data_3B2T
#
_entry.id   3B2T
#
_cell.length_a   67.698
_cell.length_b   80.345
_cell.length_c   118.603
_cell.angle_alpha   90.000
_cell.angle_beta   90.000
_cell.angle_gamma   90.000
#
_symmetry.space_group_name_H-M   'P 21 21 2'
#
loop_
_entity.id
_entity.type
_entity.pdbx_description
1 polymer 'Fibroblast growth factor receptor 2'
2 non-polymer 'PHOSPHATE ION'
3 non-polymer "5'-O-[(S)-hydroxy{[(S)-hydroxy(methyl)phosphoryl]oxy}phosphoryl]adenosine"
4 water water
#
_entity_poly.entity_id   1
_entity_poly.type   'polypeptide(L)'
_entity_poly.pdbx_seq_one_letter_code
;PMLAGVSEYELPEDPKWEFPRDKLTLGKPLGEGCFGQVVMAEAVGIDKDKPKEAVTVAVKMLKDDATEKDLSDLVSEMEM
MKMIGKHKNIINLLGACTQDGPLYVIVEYASKGNLREYLRARRPPGMEYSYDINRVPEEQMTFKDLVSCTYQLARGMEYL
ASQKCIHRDLTARNVLVTENNVMKIADFGLARDINNIDYYKKTTNGRLPVKWMAPEALFDRVYTHQSDVWSFGVLMWEIF
TLGGSPYPGIPVEELFKLLKEGHRMDKPANCTNELYMMMRDCWHAVPSQRPTFKQLVEDLDRILTLTTNQE
;
_entity_poly.pdbx_strand_id   A,B
#
# COMPACT_ATOMS: atom_id res chain seq x y z
N SER A 7 -16.69 10.55 -24.45
CA SER A 7 -15.36 10.83 -23.82
C SER A 7 -14.81 9.49 -23.36
N GLU A 8 -13.49 9.35 -23.35
CA GLU A 8 -12.89 8.10 -22.93
C GLU A 8 -12.76 8.03 -21.42
N TYR A 9 -12.99 9.16 -20.75
CA TYR A 9 -12.90 9.17 -19.29
C TYR A 9 -14.22 8.75 -18.65
N GLU A 10 -14.22 8.60 -17.32
CA GLU A 10 -15.38 8.11 -16.61
C GLU A 10 -16.02 8.95 -15.52
N LEU A 11 -15.28 9.88 -14.94
CA LEU A 11 -15.83 10.67 -13.85
C LEU A 11 -16.83 11.75 -14.28
N PRO A 12 -17.94 11.84 -13.56
CA PRO A 12 -19.00 12.82 -13.83
C PRO A 12 -18.53 14.24 -13.53
N GLU A 13 -19.19 15.20 -14.14
CA GLU A 13 -18.84 16.59 -13.92
C GLU A 13 -19.40 17.14 -12.60
N ASP A 14 -18.63 18.04 -11.99
CA ASP A 14 -19.01 18.74 -10.77
C ASP A 14 -18.31 20.08 -10.93
N PRO A 15 -18.90 20.99 -11.74
CA PRO A 15 -18.38 22.32 -12.06
C PRO A 15 -17.86 23.16 -10.89
N LYS A 16 -18.62 23.24 -9.81
CA LYS A 16 -18.20 24.06 -8.69
C LYS A 16 -16.82 23.72 -8.14
N TRP A 17 -16.40 22.46 -8.28
CA TRP A 17 -15.10 22.05 -7.78
C TRP A 17 -14.04 21.84 -8.85
N GLU A 18 -14.45 21.86 -10.11
CA GLU A 18 -13.49 21.62 -11.18
C GLU A 18 -12.48 22.74 -11.31
N PHE A 19 -11.22 22.35 -11.47
CA PHE A 19 -10.16 23.33 -11.61
C PHE A 19 -9.54 23.17 -13.00
N PRO A 20 -9.25 24.29 -13.69
CA PRO A 20 -8.65 24.21 -15.03
C PRO A 20 -7.24 23.64 -14.99
N ARG A 21 -6.95 22.66 -15.85
CA ARG A 21 -5.63 22.03 -15.89
C ARG A 21 -4.50 22.96 -16.30
N ASP A 22 -4.81 23.95 -17.15
CA ASP A 22 -3.76 24.87 -17.59
C ASP A 22 -3.38 25.92 -16.52
N LYS A 23 -4.13 25.95 -15.41
CA LYS A 23 -3.85 26.89 -14.32
C LYS A 23 -3.15 26.17 -13.16
N LEU A 24 -2.79 24.91 -13.38
CA LEU A 24 -2.12 24.10 -12.37
C LEU A 24 -0.74 23.66 -12.85
N THR A 25 0.30 23.99 -12.08
CA THR A 25 1.66 23.61 -12.43
C THR A 25 2.22 22.63 -11.40
N LEU A 26 2.39 21.37 -11.79
CA LEU A 26 2.89 20.36 -10.87
C LEU A 26 4.37 20.56 -10.57
N GLY A 27 4.76 20.28 -9.33
CA GLY A 27 6.14 20.44 -8.92
C GLY A 27 6.75 19.22 -8.25
N LYS A 28 7.55 19.47 -7.21
CA LYS A 28 8.25 18.43 -6.46
C LYS A 28 7.32 17.42 -5.79
N PRO A 29 7.65 16.13 -5.87
CA PRO A 29 6.84 15.06 -5.27
C PRO A 29 6.99 15.10 -3.76
N LEU A 30 5.87 15.02 -3.04
CA LEU A 30 5.89 15.04 -1.58
C LEU A 30 6.09 13.65 -1.00
N GLY A 31 5.89 12.64 -1.83
CA GLY A 31 6.06 11.26 -1.39
C GLY A 31 5.10 10.27 -2.04
N GLU A 32 5.44 8.99 -1.91
CA GLU A 32 4.63 7.91 -2.47
C GLU A 32 3.88 7.18 -1.35
N GLY A 33 2.61 6.89 -1.59
CA GLY A 33 1.80 6.21 -0.60
C GLY A 33 1.44 4.80 -1.03
N CYS A 34 2.16 4.28 -2.02
CA CYS A 34 1.92 2.95 -2.54
C CYS A 34 0.54 2.85 -3.21
N PHE A 35 -0.36 3.76 -2.85
CA PHE A 35 -1.71 3.81 -3.40
C PHE A 35 -1.83 4.98 -4.39
N GLY A 36 -0.76 5.76 -4.46
CA GLY A 36 -0.72 6.90 -5.36
C GLY A 36 0.42 7.81 -4.98
N GLN A 37 0.37 9.05 -5.42
CA GLN A 37 1.44 9.98 -5.07
C GLN A 37 0.92 11.38 -4.87
N VAL A 38 1.61 12.13 -4.02
CA VAL A 38 1.23 13.50 -3.77
C VAL A 38 2.39 14.36 -4.25
N VAL A 39 2.09 15.48 -4.90
CA VAL A 39 3.14 16.37 -5.36
C VAL A 39 2.75 17.80 -5.03
N MET A 40 3.73 18.67 -4.86
CA MET A 40 3.46 20.07 -4.59
C MET A 40 3.11 20.68 -5.95
N ALA A 41 2.34 21.76 -5.95
CA ALA A 41 1.98 22.43 -7.19
C ALA A 41 1.55 23.88 -6.96
N GLU A 42 1.43 24.63 -8.06
CA GLU A 42 0.99 26.02 -8.00
C GLU A 42 -0.33 26.08 -8.77
N ALA A 43 -1.37 26.56 -8.11
CA ALA A 43 -2.68 26.67 -8.72
C ALA A 43 -3.06 28.15 -8.80
N VAL A 44 -3.20 28.66 -10.03
CA VAL A 44 -3.56 30.05 -10.22
C VAL A 44 -5.06 30.30 -10.11
N GLY A 45 -5.41 31.18 -9.17
CA GLY A 45 -6.80 31.54 -8.99
C GLY A 45 -7.69 30.48 -8.37
N ILE A 46 -7.08 29.47 -7.75
CA ILE A 46 -7.87 28.40 -7.13
C ILE A 46 -8.66 28.93 -5.94
N ASP A 47 -8.17 30.01 -5.34
CA ASP A 47 -8.82 30.61 -4.18
C ASP A 47 -8.87 29.60 -3.03
N PRO A 51 -9.06 35.69 -6.01
CA PRO A 51 -7.76 36.29 -6.34
C PRO A 51 -7.00 35.50 -7.40
N LYS A 52 -6.56 36.20 -8.46
CA LYS A 52 -5.81 35.57 -9.55
C LYS A 52 -4.34 35.37 -9.15
N GLU A 53 -4.15 35.04 -7.87
CA GLU A 53 -2.83 34.81 -7.32
C GLU A 53 -2.52 33.31 -7.33
N ALA A 54 -1.24 32.97 -7.38
CA ALA A 54 -0.80 31.58 -7.39
C ALA A 54 -0.52 31.08 -5.97
N VAL A 55 -1.32 30.12 -5.50
CA VAL A 55 -1.13 29.56 -4.17
C VAL A 55 -0.55 28.15 -4.24
N THR A 56 0.37 27.84 -3.33
CA THR A 56 0.99 26.53 -3.29
C THR A 56 -0.01 25.53 -2.72
N VAL A 57 -0.17 24.42 -3.43
CA VAL A 57 -1.12 23.37 -3.02
C VAL A 57 -0.47 21.99 -3.09
N ALA A 58 -1.20 20.95 -2.70
CA ALA A 58 -0.70 19.58 -2.76
C ALA A 58 -1.68 18.87 -3.69
N VAL A 59 -1.17 18.05 -4.60
CA VAL A 59 -2.04 17.33 -5.53
C VAL A 59 -1.89 15.81 -5.39
N LYS A 60 -3.00 15.11 -5.18
CA LYS A 60 -2.96 13.65 -5.06
C LYS A 60 -3.38 13.08 -6.42
N MET A 61 -2.65 12.07 -6.89
CA MET A 61 -2.94 11.47 -8.18
C MET A 61 -2.51 10.00 -8.18
N LEU A 62 -2.89 9.28 -9.23
CA LEU A 62 -2.51 7.86 -9.33
C LEU A 62 -1.12 7.67 -9.91
N LYS A 63 -0.55 6.48 -9.67
CA LYS A 63 0.75 6.14 -10.22
C LYS A 63 0.46 5.24 -11.42
N ASP A 64 1.50 4.91 -12.21
CA ASP A 64 1.29 4.08 -13.39
C ASP A 64 0.79 2.68 -13.07
N ASP A 65 1.11 2.16 -11.89
CA ASP A 65 0.65 0.80 -11.52
C ASP A 65 -0.60 0.80 -10.63
N ALA A 66 -1.39 1.86 -10.76
CA ALA A 66 -2.61 2.00 -10.03
C ALA A 66 -3.55 0.81 -10.26
N THR A 67 -4.24 0.42 -9.19
CA THR A 67 -5.21 -0.68 -9.24
C THR A 67 -6.60 -0.03 -9.22
N GLU A 68 -7.67 -0.82 -9.43
CA GLU A 68 -9.02 -0.26 -9.37
C GLU A 68 -9.35 0.19 -7.94
N LYS A 69 -8.81 -0.49 -6.94
CA LYS A 69 -9.03 -0.07 -5.55
C LYS A 69 -8.37 1.31 -5.32
N ASP A 70 -7.17 1.50 -5.90
CA ASP A 70 -6.46 2.78 -5.75
C ASP A 70 -7.29 3.91 -6.35
N LEU A 71 -7.82 3.66 -7.54
CA LEU A 71 -8.64 4.65 -8.23
C LEU A 71 -9.93 4.90 -7.44
N SER A 72 -10.60 3.83 -7.01
CA SER A 72 -11.82 4.05 -6.24
C SER A 72 -11.55 4.74 -4.89
N ASP A 73 -10.39 4.49 -4.27
CA ASP A 73 -10.04 5.12 -2.98
C ASP A 73 -9.80 6.64 -3.17
N LEU A 74 -9.12 7.00 -4.23
CA LEU A 74 -8.85 8.43 -4.52
C LEU A 74 -10.15 9.18 -4.78
N VAL A 75 -11.05 8.59 -5.57
CA VAL A 75 -12.34 9.19 -5.85
C VAL A 75 -13.16 9.25 -4.55
N SER A 76 -13.10 8.21 -3.73
CA SER A 76 -13.86 8.20 -2.48
C SER A 76 -13.35 9.30 -1.55
N GLU A 77 -12.04 9.48 -1.49
CA GLU A 77 -11.49 10.52 -0.64
C GLU A 77 -12.02 11.89 -1.08
N MET A 78 -12.04 12.14 -2.39
CA MET A 78 -12.53 13.41 -2.90
C MET A 78 -14.00 13.60 -2.53
N GLU A 79 -14.80 12.55 -2.70
CA GLU A 79 -16.22 12.64 -2.37
C GLU A 79 -16.45 12.86 -0.87
N MET A 80 -15.66 12.17 -0.04
CA MET A 80 -15.84 12.33 1.41
C MET A 80 -15.48 13.74 1.86
N MET A 81 -14.42 14.31 1.30
CA MET A 81 -14.02 15.67 1.68
C MET A 81 -15.13 16.69 1.33
N LYS A 82 -15.80 16.49 0.21
CA LYS A 82 -16.91 17.38 -0.14
C LYS A 82 -18.05 17.25 0.88
N MET A 83 -18.31 16.03 1.34
CA MET A 83 -19.38 15.82 2.32
C MET A 83 -19.04 16.41 3.70
N ILE A 84 -17.80 16.25 4.12
CA ILE A 84 -17.37 16.72 5.43
C ILE A 84 -17.45 18.22 5.56
N GLY A 85 -17.05 18.92 4.51
CA GLY A 85 -17.11 20.37 4.57
C GLY A 85 -15.81 20.93 5.11
N LYS A 86 -15.81 22.23 5.38
CA LYS A 86 -14.60 22.86 5.86
C LYS A 86 -14.53 22.93 7.38
N HIS A 87 -13.32 22.75 7.90
CA HIS A 87 -13.07 22.83 9.33
C HIS A 87 -11.60 23.13 9.57
N LYS A 88 -11.32 23.97 10.56
CA LYS A 88 -9.95 24.35 10.88
C LYS A 88 -9.03 23.14 11.08
N ASN A 89 -9.57 22.04 11.59
CA ASN A 89 -8.71 20.88 11.84
C ASN A 89 -8.86 19.69 10.90
N ILE A 90 -9.26 19.99 9.67
CA ILE A 90 -9.41 18.98 8.62
C ILE A 90 -8.74 19.56 7.36
N ILE A 91 -7.88 18.76 6.72
CA ILE A 91 -7.20 19.21 5.51
C ILE A 91 -8.29 19.65 4.52
N ASN A 92 -8.15 20.85 3.95
CA ASN A 92 -9.18 21.39 3.06
C ASN A 92 -9.09 20.96 1.59
N LEU A 93 -10.22 20.60 1.01
CA LEU A 93 -10.25 20.25 -0.41
C LEU A 93 -10.33 21.61 -1.12
N LEU A 94 -9.48 21.83 -2.11
CA LEU A 94 -9.49 23.11 -2.83
C LEU A 94 -10.13 22.98 -4.22
N GLY A 95 -10.04 21.78 -4.81
CA GLY A 95 -10.62 21.58 -6.12
C GLY A 95 -10.13 20.28 -6.74
N ALA A 96 -10.51 20.03 -7.98
CA ALA A 96 -10.07 18.81 -8.65
C ALA A 96 -10.11 18.95 -10.17
N CYS A 97 -9.33 18.10 -10.83
CA CYS A 97 -9.30 18.05 -12.29
C CYS A 97 -9.82 16.64 -12.52
N THR A 98 -11.06 16.52 -12.96
CA THR A 98 -11.67 15.21 -13.15
C THR A 98 -12.04 14.92 -14.60
N GLN A 99 -12.01 15.95 -15.43
CA GLN A 99 -12.38 15.82 -16.82
C GLN A 99 -11.21 15.82 -17.78
N ASP A 100 -11.36 15.08 -18.88
CA ASP A 100 -10.34 15.03 -19.94
C ASP A 100 -8.90 14.80 -19.53
N GLY A 101 -8.67 13.96 -18.54
CA GLY A 101 -7.29 13.72 -18.15
C GLY A 101 -7.23 12.99 -16.83
N PRO A 102 -6.02 12.76 -16.30
CA PRO A 102 -5.85 12.04 -15.01
C PRO A 102 -6.52 12.76 -13.85
N LEU A 103 -7.00 11.98 -12.89
CA LEU A 103 -7.65 12.57 -11.72
C LEU A 103 -6.64 13.26 -10.81
N TYR A 104 -6.89 14.54 -10.52
CA TYR A 104 -6.04 15.31 -9.61
C TYR A 104 -6.94 15.81 -8.51
N VAL A 105 -6.63 15.47 -7.26
CA VAL A 105 -7.44 15.97 -6.17
C VAL A 105 -6.53 17.02 -5.54
N ILE A 106 -6.97 18.27 -5.55
CA ILE A 106 -6.15 19.38 -5.05
C ILE A 106 -6.55 19.76 -3.64
N VAL A 107 -5.57 19.68 -2.75
CA VAL A 107 -5.82 19.99 -1.35
C VAL A 107 -4.81 20.94 -0.75
N GLU A 108 -5.16 21.47 0.41
CA GLU A 108 -4.32 22.39 1.15
C GLU A 108 -2.95 21.75 1.37
N TYR A 109 -1.89 22.54 1.17
CA TYR A 109 -0.54 22.08 1.37
C TYR A 109 -0.14 22.35 2.84
N ALA A 110 0.37 21.33 3.52
CA ALA A 110 0.81 21.44 4.91
C ALA A 110 2.33 21.33 4.92
N SER A 111 3.01 22.46 5.05
CA SER A 111 4.48 22.47 5.01
C SER A 111 5.26 21.68 6.05
N LYS A 112 4.66 21.37 7.19
CA LYS A 112 5.39 20.66 8.22
C LYS A 112 5.26 19.13 8.19
N GLY A 113 4.55 18.62 7.18
CA GLY A 113 4.44 17.18 7.04
C GLY A 113 3.48 16.50 7.98
N ASN A 114 3.61 15.19 8.10
CA ASN A 114 2.72 14.42 8.97
C ASN A 114 3.11 14.56 10.42
N LEU A 115 2.16 14.32 11.31
CA LEU A 115 2.38 14.48 12.73
C LEU A 115 3.46 13.61 13.35
N ARG A 116 3.59 12.38 12.88
CA ARG A 116 4.62 11.51 13.46
C ARG A 116 6.01 12.11 13.24
N GLU A 117 6.33 12.48 12.01
CA GLU A 117 7.65 13.05 11.74
C GLU A 117 7.79 14.42 12.39
N TYR A 118 6.71 15.19 12.43
CA TYR A 118 6.72 16.52 13.04
C TYR A 118 7.14 16.42 14.51
N LEU A 119 6.56 15.46 15.24
CA LEU A 119 6.88 15.25 16.64
C LEU A 119 8.28 14.68 16.83
N ARG A 120 8.65 13.72 15.99
CA ARG A 120 9.97 13.11 16.13
C ARG A 120 11.09 14.12 15.90
N ALA A 121 10.87 15.08 15.01
CA ALA A 121 11.87 16.10 14.70
C ALA A 121 11.91 17.19 15.76
N ARG A 122 10.98 17.15 16.69
CA ARG A 122 10.94 18.17 17.73
C ARG A 122 11.00 17.58 19.13
N ARG A 123 11.70 16.46 19.25
CA ARG A 123 11.88 15.77 20.50
C ARG A 123 12.99 16.43 21.31
N PRO A 124 13.10 16.02 22.58
CA PRO A 124 14.14 16.56 23.45
C PRO A 124 15.41 15.74 23.29
N PRO A 125 16.57 16.30 23.67
CA PRO A 125 17.85 15.60 23.56
C PRO A 125 17.80 14.22 24.20
N GLN A 140 11.30 22.78 19.61
CA GLN A 140 11.08 21.62 20.47
C GLN A 140 9.68 21.68 21.07
N MET A 141 9.08 20.50 21.24
CA MET A 141 7.73 20.39 21.79
C MET A 141 7.72 20.59 23.30
N THR A 142 6.72 21.33 23.78
CA THR A 142 6.55 21.54 25.21
C THR A 142 5.32 20.68 25.55
N PHE A 143 5.13 20.39 26.84
CA PHE A 143 3.98 19.60 27.25
C PHE A 143 2.69 20.28 26.80
N LYS A 144 2.64 21.61 26.95
CA LYS A 144 1.44 22.35 26.54
C LYS A 144 1.18 22.15 25.05
N ASP A 145 2.24 22.09 24.25
CA ASP A 145 2.08 21.89 22.80
C ASP A 145 1.44 20.52 22.51
N LEU A 146 1.81 19.51 23.28
CA LEU A 146 1.24 18.18 23.07
C LEU A 146 -0.24 18.18 23.42
N VAL A 147 -0.61 18.88 24.48
CA VAL A 147 -2.02 18.94 24.86
C VAL A 147 -2.79 19.72 23.81
N SER A 148 -2.19 20.76 23.25
CA SER A 148 -2.86 21.56 22.23
C SER A 148 -3.11 20.72 20.97
N CYS A 149 -2.10 19.93 20.58
CA CYS A 149 -2.24 19.06 19.40
C CYS A 149 -3.43 18.12 19.60
N THR A 150 -3.48 17.50 20.78
CA THR A 150 -4.54 16.56 21.10
C THR A 150 -5.89 17.23 21.08
N TYR A 151 -5.98 18.43 21.66
CA TYR A 151 -7.24 19.16 21.66
C TYR A 151 -7.72 19.47 20.23
N GLN A 152 -6.81 19.97 19.40
CA GLN A 152 -7.17 20.31 18.02
C GLN A 152 -7.72 19.10 17.29
N LEU A 153 -7.09 17.96 17.49
CA LEU A 153 -7.52 16.73 16.81
C LEU A 153 -8.87 16.25 17.35
N ALA A 154 -9.11 16.42 18.65
CA ALA A 154 -10.38 16.03 19.21
C ALA A 154 -11.46 16.92 18.58
N ARG A 155 -11.16 18.21 18.39
CA ARG A 155 -12.13 19.11 17.78
C ARG A 155 -12.41 18.68 16.33
N GLY A 156 -11.35 18.32 15.61
CA GLY A 156 -11.53 17.89 14.23
C GLY A 156 -12.41 16.64 14.17
N MET A 157 -12.16 15.69 15.07
CA MET A 157 -12.95 14.45 15.06
C MET A 157 -14.37 14.70 15.53
N GLU A 158 -14.53 15.57 16.53
CA GLU A 158 -15.87 15.88 16.98
C GLU A 158 -16.67 16.43 15.79
N TYR A 159 -16.03 17.25 14.98
CA TYR A 159 -16.69 17.82 13.79
C TYR A 159 -16.99 16.71 12.74
N LEU A 160 -15.99 15.90 12.43
CA LEU A 160 -16.17 14.80 11.49
C LEU A 160 -17.34 13.92 11.90
N ALA A 161 -17.36 13.52 13.18
CA ALA A 161 -18.45 12.67 13.64
C ALA A 161 -19.81 13.35 13.53
N SER A 162 -19.86 14.66 13.77
CA SER A 162 -21.12 15.37 13.67
C SER A 162 -21.57 15.43 12.21
N GLN A 163 -20.64 15.25 11.28
CA GLN A 163 -20.95 15.24 9.86
C GLN A 163 -21.32 13.82 9.38
N LYS A 164 -21.45 12.91 10.35
CA LYS A 164 -21.84 11.52 10.12
C LYS A 164 -20.83 10.75 9.29
N CYS A 165 -19.56 11.02 9.56
CA CYS A 165 -18.47 10.36 8.86
C CYS A 165 -17.65 9.52 9.86
N ILE A 166 -17.25 8.30 9.48
CA ILE A 166 -16.36 7.51 10.34
C ILE A 166 -15.07 7.49 9.51
N HIS A 167 -13.96 7.84 10.14
CA HIS A 167 -12.69 7.93 9.45
C HIS A 167 -12.05 6.58 9.14
N ARG A 168 -11.98 5.75 10.18
CA ARG A 168 -11.42 4.39 10.12
C ARG A 168 -9.90 4.26 9.98
N ASP A 169 -9.20 5.37 9.71
CA ASP A 169 -7.75 5.31 9.54
C ASP A 169 -7.04 6.48 10.25
N LEU A 170 -7.46 6.79 11.47
CA LEU A 170 -6.87 7.87 12.27
C LEU A 170 -5.57 7.46 12.93
N THR A 171 -4.45 7.93 12.36
CA THR A 171 -3.12 7.65 12.89
C THR A 171 -2.32 8.96 12.79
N ALA A 172 -1.20 9.04 13.50
CA ALA A 172 -0.35 10.24 13.46
C ALA A 172 0.18 10.46 12.03
N ARG A 173 0.48 9.39 11.32
CA ARG A 173 0.94 9.52 9.93
C ARG A 173 -0.15 10.15 9.07
N ASN A 174 -1.41 10.00 9.48
CA ASN A 174 -2.53 10.55 8.71
C ASN A 174 -3.03 11.92 9.22
N VAL A 175 -2.18 12.60 9.98
CA VAL A 175 -2.48 13.95 10.45
C VAL A 175 -1.34 14.80 9.87
N LEU A 176 -1.70 15.94 9.31
CA LEU A 176 -0.70 16.83 8.71
C LEU A 176 -0.60 18.10 9.57
N VAL A 177 0.55 18.77 9.50
CA VAL A 177 0.77 19.99 10.28
C VAL A 177 1.14 21.15 9.33
N THR A 178 0.42 22.26 9.46
CA THR A 178 0.67 23.43 8.60
C THR A 178 1.84 24.25 9.10
N GLU A 179 2.24 25.24 8.30
CA GLU A 179 3.35 26.10 8.69
C GLU A 179 3.07 26.76 10.04
N ASN A 180 1.81 27.07 10.32
CA ASN A 180 1.44 27.71 11.58
C ASN A 180 1.12 26.70 12.70
N ASN A 181 1.60 25.47 12.53
CA ASN A 181 1.41 24.38 13.49
C ASN A 181 -0.03 23.97 13.75
N VAL A 182 -0.89 24.11 12.74
CA VAL A 182 -2.28 23.73 12.88
C VAL A 182 -2.37 22.23 12.55
N MET A 183 -3.11 21.47 13.35
CA MET A 183 -3.27 20.03 13.11
C MET A 183 -4.35 19.82 12.08
N LYS A 184 -4.08 19.01 11.07
CA LYS A 184 -5.06 18.77 10.02
C LYS A 184 -5.29 17.27 9.83
N ILE A 185 -6.51 16.82 10.07
CA ILE A 185 -6.82 15.39 9.86
C ILE A 185 -6.87 15.19 8.35
N ALA A 186 -6.23 14.12 7.87
CA ALA A 186 -6.17 13.85 6.44
C ALA A 186 -6.46 12.39 6.10
N ASP A 187 -6.25 12.01 4.83
CA ASP A 187 -6.42 10.65 4.33
C ASP A 187 -7.80 10.03 4.56
N PHE A 188 -8.78 10.50 3.80
CA PHE A 188 -10.15 10.03 3.95
C PHE A 188 -10.52 8.92 2.96
N GLY A 189 -9.52 8.25 2.41
CA GLY A 189 -9.79 7.20 1.45
C GLY A 189 -10.51 6.00 2.00
N LEU A 190 -10.40 5.76 3.31
CA LEU A 190 -11.09 4.61 3.91
C LEU A 190 -12.34 5.01 4.70
N ALA A 191 -12.60 6.30 4.76
CA ALA A 191 -13.74 6.81 5.51
C ALA A 191 -15.09 6.44 4.89
N ARG A 192 -16.14 6.42 5.72
CA ARG A 192 -17.47 6.10 5.22
C ARG A 192 -18.51 7.10 5.66
N ASP A 193 -19.56 7.21 4.86
CA ASP A 193 -20.66 8.12 5.15
C ASP A 193 -21.73 7.30 5.87
N ILE A 194 -21.94 7.55 7.17
CA ILE A 194 -22.96 6.79 7.89
C ILE A 194 -24.19 7.63 8.24
N ASN A 195 -24.52 8.58 7.38
CA ASN A 195 -25.70 9.43 7.58
C ASN A 195 -26.98 8.57 7.71
N ASN A 196 -27.10 7.55 6.86
CA ASN A 196 -28.30 6.71 6.80
C ASN A 196 -28.09 5.21 7.00
N ILE A 197 -26.94 4.72 6.56
CA ILE A 197 -26.56 3.30 6.63
C ILE A 197 -25.37 3.18 7.57
N ASP A 198 -25.32 2.16 8.42
CA ASP A 198 -24.19 2.05 9.32
C ASP A 198 -23.29 0.84 9.05
N TYR A 199 -23.60 0.08 8.02
CA TYR A 199 -22.82 -1.11 7.62
C TYR A 199 -22.73 -2.18 8.69
N TYR A 200 -23.72 -2.21 9.56
CA TYR A 200 -23.75 -3.22 10.62
C TYR A 200 -23.58 -4.64 10.07
N LYS A 201 -22.56 -5.32 10.60
CA LYS A 201 -22.20 -6.71 10.23
C LYS A 201 -21.72 -6.91 8.81
N LYS A 202 -21.52 -5.81 8.10
CA LYS A 202 -21.01 -5.93 6.74
C LYS A 202 -19.74 -5.11 6.50
N THR A 203 -19.08 -4.61 7.55
CA THR A 203 -17.82 -3.89 7.34
C THR A 203 -16.75 -4.76 8.00
N THR A 204 -16.03 -5.50 7.15
CA THR A 204 -15.02 -6.46 7.64
C THR A 204 -13.70 -5.85 8.10
N ASN A 205 -13.39 -4.64 7.63
CA ASN A 205 -12.22 -3.87 8.10
C ASN A 205 -10.81 -4.43 7.90
N GLY A 206 -10.64 -5.32 6.91
CA GLY A 206 -9.33 -5.87 6.66
C GLY A 206 -8.28 -4.93 6.09
N ARG A 207 -8.68 -3.69 5.72
CA ARG A 207 -7.71 -2.75 5.17
C ARG A 207 -7.37 -1.63 6.17
N LEU A 208 -7.74 -1.82 7.43
CA LEU A 208 -7.47 -0.80 8.46
C LEU A 208 -6.21 -1.20 9.23
N PRO A 209 -5.44 -0.22 9.73
CA PRO A 209 -4.21 -0.53 10.49
C PRO A 209 -4.54 -1.19 11.82
N VAL A 210 -4.18 -2.46 11.94
CA VAL A 210 -4.50 -3.22 13.14
C VAL A 210 -4.19 -2.59 14.48
N LYS A 211 -3.03 -1.96 14.62
CA LYS A 211 -2.67 -1.38 15.93
C LYS A 211 -3.49 -0.16 16.35
N TRP A 212 -4.33 0.35 15.46
CA TRP A 212 -5.21 1.50 15.80
C TRP A 212 -6.68 1.06 15.85
N MET A 213 -6.94 -0.23 15.65
CA MET A 213 -8.31 -0.76 15.60
C MET A 213 -8.95 -1.21 16.90
N ALA A 214 -10.21 -0.78 17.09
CA ALA A 214 -11.00 -1.17 18.25
C ALA A 214 -11.31 -2.67 18.10
N PRO A 215 -11.48 -3.37 19.21
CA PRO A 215 -11.78 -4.80 19.12
C PRO A 215 -13.02 -5.16 18.27
N GLU A 216 -14.10 -4.38 18.39
CA GLU A 216 -15.29 -4.69 17.60
C GLU A 216 -15.04 -4.50 16.09
N ALA A 217 -14.08 -3.63 15.73
CA ALA A 217 -13.75 -3.43 14.34
C ALA A 217 -12.95 -4.64 13.85
N LEU A 218 -12.14 -5.22 14.74
CA LEU A 218 -11.32 -6.37 14.37
C LEU A 218 -12.07 -7.69 14.30
N PHE A 219 -13.00 -7.85 15.23
CA PHE A 219 -13.71 -9.12 15.38
C PHE A 219 -15.18 -9.18 15.05
N ASP A 220 -15.86 -8.06 15.13
CA ASP A 220 -17.32 -8.10 15.00
C ASP A 220 -18.01 -7.47 13.80
N ARG A 221 -17.23 -7.13 12.76
CA ARG A 221 -17.78 -6.59 11.52
C ARG A 221 -18.63 -5.33 11.64
N VAL A 222 -18.21 -4.45 12.53
CA VAL A 222 -18.91 -3.18 12.73
C VAL A 222 -17.86 -2.09 12.81
N TYR A 223 -18.31 -0.84 12.72
CA TYR A 223 -17.42 0.30 12.86
C TYR A 223 -18.30 1.51 13.16
N THR A 224 -18.13 2.10 14.34
CA THR A 224 -18.95 3.25 14.70
C THR A 224 -18.06 4.42 15.12
N HIS A 225 -18.67 5.54 15.49
CA HIS A 225 -17.86 6.66 15.95
C HIS A 225 -17.07 6.22 17.17
N GLN A 226 -17.63 5.30 17.97
CA GLN A 226 -16.90 4.87 19.16
C GLN A 226 -15.64 4.08 18.80
N SER A 227 -15.63 3.49 17.61
CA SER A 227 -14.43 2.79 17.15
C SER A 227 -13.37 3.84 16.82
N ASP A 228 -13.79 4.98 16.25
CA ASP A 228 -12.85 6.08 15.94
C ASP A 228 -12.31 6.65 17.27
N VAL A 229 -13.11 6.62 18.34
CA VAL A 229 -12.64 7.10 19.66
C VAL A 229 -11.48 6.21 20.12
N TRP A 230 -11.60 4.90 19.92
CA TRP A 230 -10.52 3.99 20.29
C TRP A 230 -9.24 4.41 19.55
N SER A 231 -9.36 4.62 18.24
CA SER A 231 -8.19 4.99 17.44
C SER A 231 -7.60 6.31 17.97
N PHE A 232 -8.47 7.24 18.33
CA PHE A 232 -8.04 8.53 18.90
C PHE A 232 -7.18 8.28 20.14
N GLY A 233 -7.57 7.31 20.98
CA GLY A 233 -6.77 7.01 22.15
C GLY A 233 -5.35 6.58 21.76
N VAL A 234 -5.25 5.80 20.68
CA VAL A 234 -3.95 5.36 20.21
C VAL A 234 -3.20 6.59 19.67
N LEU A 235 -3.90 7.48 18.98
CA LEU A 235 -3.29 8.69 18.46
C LEU A 235 -2.75 9.55 19.64
N MET A 236 -3.52 9.62 20.73
CA MET A 236 -3.10 10.35 21.92
C MET A 236 -1.78 9.76 22.42
N TRP A 237 -1.70 8.43 22.44
CA TRP A 237 -0.49 7.78 22.89
C TRP A 237 0.66 8.15 21.95
N GLU A 238 0.40 8.20 20.65
CA GLU A 238 1.45 8.58 19.71
C GLU A 238 1.93 10.01 19.98
N ILE A 239 1.00 10.90 20.30
CA ILE A 239 1.35 12.29 20.57
C ILE A 239 2.19 12.41 21.82
N PHE A 240 1.75 11.80 22.92
CA PHE A 240 2.53 11.93 24.16
C PHE A 240 3.84 11.14 24.21
N THR A 241 4.09 10.28 23.22
CA THR A 241 5.38 9.59 23.17
C THR A 241 6.20 10.33 22.10
N LEU A 242 5.72 11.50 21.68
CA LEU A 242 6.37 12.32 20.66
C LEU A 242 6.65 11.54 19.37
N GLY A 243 5.63 10.85 18.86
CA GLY A 243 5.80 10.08 17.64
C GLY A 243 6.23 8.63 17.82
N GLY A 244 5.91 8.05 18.97
CA GLY A 244 6.28 6.67 19.20
C GLY A 244 5.39 5.70 18.41
N SER A 245 5.88 4.49 18.21
CA SER A 245 5.13 3.46 17.49
C SER A 245 4.33 2.66 18.53
N PRO A 246 3.00 2.54 18.34
CA PRO A 246 2.13 1.80 19.27
C PRO A 246 2.52 0.36 19.59
N TYR A 247 2.18 -0.07 20.81
CA TYR A 247 2.48 -1.42 21.31
C TYR A 247 3.92 -1.80 21.05
N PRO A 248 4.88 -1.00 21.56
CA PRO A 248 6.30 -1.27 21.36
C PRO A 248 6.70 -2.69 21.72
N GLY A 249 7.39 -3.34 20.80
CA GLY A 249 7.84 -4.69 21.01
C GLY A 249 6.79 -5.78 20.83
N ILE A 250 5.54 -5.38 20.60
CA ILE A 250 4.46 -6.35 20.40
C ILE A 250 4.08 -6.37 18.92
N PRO A 251 4.42 -7.47 18.22
CA PRO A 251 4.10 -7.58 16.80
C PRO A 251 2.59 -7.60 16.59
N VAL A 252 2.17 -7.05 15.46
CA VAL A 252 0.75 -7.06 15.10
C VAL A 252 0.29 -8.54 15.12
N GLU A 253 1.21 -9.45 14.79
CA GLU A 253 0.89 -10.86 14.75
C GLU A 253 0.30 -11.46 16.03
N GLU A 254 0.68 -10.95 17.20
CA GLU A 254 0.13 -11.49 18.44
C GLU A 254 -0.87 -10.55 19.11
N LEU A 255 -1.14 -9.39 18.50
CA LEU A 255 -2.05 -8.43 19.12
C LEU A 255 -3.53 -8.86 19.16
N PHE A 256 -3.96 -9.66 18.19
CA PHE A 256 -5.37 -10.10 18.15
C PHE A 256 -5.76 -10.76 19.46
N LYS A 257 -4.98 -11.75 19.89
CA LYS A 257 -5.28 -12.43 21.15
C LYS A 257 -4.96 -11.58 22.37
N LEU A 258 -3.90 -10.79 22.32
CA LEU A 258 -3.58 -9.95 23.48
C LEU A 258 -4.71 -8.95 23.74
N LEU A 259 -5.28 -8.38 22.68
CA LEU A 259 -6.37 -7.42 22.86
C LEU A 259 -7.57 -8.06 23.52
N LYS A 260 -7.93 -9.26 23.08
CA LYS A 260 -9.07 -9.96 23.65
C LYS A 260 -8.84 -10.22 25.13
N GLU A 261 -7.57 -10.43 25.48
CA GLU A 261 -7.16 -10.69 26.86
C GLU A 261 -7.06 -9.43 27.73
N GLY A 262 -7.46 -8.29 27.19
CA GLY A 262 -7.47 -7.06 27.97
C GLY A 262 -6.20 -6.22 28.05
N HIS A 263 -5.17 -6.61 27.32
CA HIS A 263 -3.92 -5.84 27.35
C HIS A 263 -4.02 -4.50 26.67
N ARG A 264 -3.34 -3.52 27.25
CA ARG A 264 -3.35 -2.16 26.74
C ARG A 264 -1.97 -1.56 26.88
N MET A 265 -1.72 -0.50 26.12
CA MET A 265 -0.42 0.17 26.22
C MET A 265 -0.24 0.82 27.57
N ASP A 266 1.04 1.00 27.94
CA ASP A 266 1.42 1.63 29.21
C ASP A 266 1.43 3.16 29.07
N LYS A 267 1.55 3.85 30.20
CA LYS A 267 1.57 5.30 30.21
C LYS A 267 2.85 5.93 29.70
N PRO A 268 2.75 6.87 28.73
CA PRO A 268 3.93 7.54 28.16
C PRO A 268 4.60 8.34 29.29
N ALA A 269 5.90 8.55 29.22
CA ALA A 269 6.57 9.29 30.28
C ALA A 269 6.01 10.71 30.46
N ASN A 270 5.83 11.39 29.34
CA ASN A 270 5.33 12.76 29.36
C ASN A 270 3.83 12.88 29.34
N CYS A 271 3.18 12.00 30.08
CA CYS A 271 1.74 11.97 30.15
C CYS A 271 1.37 11.99 31.62
N THR A 272 0.34 12.77 31.98
CA THR A 272 -0.12 12.81 33.37
C THR A 272 -1.13 11.68 33.58
N ASN A 273 -1.39 11.34 34.84
CA ASN A 273 -2.40 10.30 35.14
C ASN A 273 -3.72 10.65 34.46
N GLU A 274 -4.15 11.91 34.59
CA GLU A 274 -5.41 12.36 33.99
C GLU A 274 -5.50 12.04 32.48
N LEU A 275 -4.44 12.37 31.75
CA LEU A 275 -4.42 12.11 30.31
C LEU A 275 -4.34 10.61 30.01
N TYR A 276 -3.61 9.87 30.83
CA TYR A 276 -3.52 8.41 30.62
C TYR A 276 -4.88 7.76 30.91
N MET A 277 -5.61 8.27 31.90
CA MET A 277 -6.93 7.70 32.18
C MET A 277 -7.83 7.98 30.99
N MET A 278 -7.62 9.11 30.33
CA MET A 278 -8.43 9.44 29.14
C MET A 278 -8.14 8.40 28.04
N MET A 279 -6.86 8.08 27.84
CA MET A 279 -6.49 7.08 26.85
C MET A 279 -7.15 5.73 27.19
N ARG A 280 -7.02 5.33 28.45
CA ARG A 280 -7.58 4.05 28.87
C ARG A 280 -9.08 4.03 28.73
N ASP A 281 -9.75 5.17 28.88
CA ASP A 281 -11.19 5.22 28.73
C ASP A 281 -11.53 5.06 27.27
N CYS A 282 -10.69 5.58 26.38
CA CYS A 282 -10.94 5.41 24.94
C CYS A 282 -10.78 3.93 24.57
N TRP A 283 -10.06 3.19 25.41
CA TRP A 283 -9.81 1.77 25.14
C TRP A 283 -10.67 0.80 25.94
N HIS A 284 -11.81 1.27 26.45
CA HIS A 284 -12.71 0.36 27.15
C HIS A 284 -13.16 -0.66 26.09
N ALA A 285 -13.27 -1.93 26.46
CA ALA A 285 -13.71 -2.96 25.51
C ALA A 285 -15.13 -2.67 25.02
N VAL A 286 -16.00 -2.24 25.93
CA VAL A 286 -17.40 -1.92 25.58
C VAL A 286 -17.41 -0.53 24.95
N PRO A 287 -17.82 -0.44 23.66
CA PRO A 287 -17.83 0.87 22.99
C PRO A 287 -18.61 2.00 23.67
N SER A 288 -19.78 1.67 24.20
CA SER A 288 -20.61 2.69 24.83
C SER A 288 -19.98 3.21 26.12
N GLN A 289 -18.96 2.53 26.64
CA GLN A 289 -18.27 2.97 27.85
C GLN A 289 -17.18 3.99 27.54
N ARG A 290 -16.83 4.12 26.27
CA ARG A 290 -15.80 5.09 25.86
C ARG A 290 -16.40 6.49 25.81
N PRO A 291 -15.56 7.52 25.98
CA PRO A 291 -16.13 8.87 25.91
C PRO A 291 -16.49 9.21 24.46
N THR A 292 -17.37 10.19 24.28
CA THR A 292 -17.71 10.63 22.94
C THR A 292 -16.70 11.71 22.58
N PHE A 293 -16.58 12.06 21.31
CA PHE A 293 -15.63 13.11 20.96
C PHE A 293 -16.04 14.43 21.60
N LYS A 294 -17.34 14.62 21.80
CA LYS A 294 -17.82 15.86 22.44
C LYS A 294 -17.25 15.91 23.85
N GLN A 295 -17.33 14.80 24.57
CA GLN A 295 -16.77 14.75 25.92
C GLN A 295 -15.25 14.90 25.92
N LEU A 296 -14.56 14.32 24.95
CA LEU A 296 -13.10 14.46 24.88
C LEU A 296 -12.70 15.91 24.64
N VAL A 297 -13.48 16.62 23.83
CA VAL A 297 -13.17 18.02 23.54
C VAL A 297 -13.35 18.85 24.80
N GLU A 298 -14.41 18.59 25.55
CA GLU A 298 -14.66 19.34 26.79
C GLU A 298 -13.56 19.15 27.83
N ASP A 299 -13.13 17.90 28.02
CA ASP A 299 -12.08 17.61 28.98
C ASP A 299 -10.75 18.16 28.54
N LEU A 300 -10.43 18.06 27.25
CA LEU A 300 -9.15 18.57 26.76
C LEU A 300 -9.10 20.10 26.79
N ASP A 301 -10.24 20.75 26.60
CA ASP A 301 -10.27 22.22 26.63
C ASP A 301 -9.90 22.64 28.07
N ARG A 302 -10.48 21.97 29.06
CA ARG A 302 -10.19 22.28 30.47
C ARG A 302 -8.71 22.07 30.79
N ILE A 303 -8.19 20.90 30.43
CA ILE A 303 -6.80 20.56 30.67
C ILE A 303 -5.87 21.53 29.94
N LEU A 304 -6.18 21.85 28.69
CA LEU A 304 -5.34 22.76 27.93
C LEU A 304 -5.29 24.14 28.58
N THR A 305 -6.45 24.67 28.91
CA THR A 305 -6.55 25.99 29.55
C THR A 305 -5.67 26.04 30.80
N LEU A 306 -5.78 25.02 31.64
CA LEU A 306 -5.04 24.95 32.89
C LEU A 306 -3.54 24.76 32.70
N THR A 307 -3.11 24.29 31.53
CA THR A 307 -1.68 24.09 31.29
C THR A 307 -1.09 25.26 30.52
N THR A 308 -1.94 26.17 30.07
CA THR A 308 -1.51 27.34 29.31
C THR A 308 -1.24 28.50 30.25
N ASN A 309 -0.04 29.06 30.18
CA ASN A 309 0.32 30.16 31.06
C ASN A 309 -0.63 31.34 30.81
N GLN A 310 -1.15 31.91 31.89
CA GLN A 310 -2.09 33.01 31.79
C GLN A 310 -1.49 34.33 32.31
N GLU A 311 -0.17 34.39 32.44
CA GLU A 311 0.48 35.60 32.92
C GLU A 311 0.52 36.65 31.81
N PRO B 1 3.39 -33.09 26.31
CA PRO B 1 2.27 -32.28 25.76
C PRO B 1 2.51 -30.78 25.92
N MET B 2 1.70 -30.00 25.20
CA MET B 2 1.78 -28.54 25.23
C MET B 2 0.70 -27.95 26.11
N LEU B 3 1.08 -26.98 26.95
CA LEU B 3 0.13 -26.31 27.82
C LEU B 3 -0.58 -25.27 26.96
N ALA B 4 -1.73 -24.79 27.39
CA ALA B 4 -2.45 -23.79 26.63
C ALA B 4 -1.89 -22.39 26.90
N GLY B 5 -2.05 -21.50 25.93
CA GLY B 5 -1.59 -20.14 26.11
C GLY B 5 -0.08 -19.94 26.17
N VAL B 6 0.69 -20.85 25.59
CA VAL B 6 2.14 -20.71 25.59
C VAL B 6 2.53 -19.61 24.58
N SER B 7 1.81 -19.57 23.46
CA SER B 7 2.05 -18.55 22.44
C SER B 7 0.77 -17.78 22.11
N GLU B 8 0.91 -16.46 21.94
CA GLU B 8 -0.19 -15.58 21.58
C GLU B 8 -0.16 -15.39 20.05
N TYR B 9 0.80 -16.04 19.39
CA TYR B 9 0.91 -15.93 17.93
C TYR B 9 -0.09 -16.86 17.27
N GLU B 10 -0.22 -16.79 15.96
CA GLU B 10 -1.26 -17.57 15.27
C GLU B 10 -0.86 -18.56 14.17
N LEU B 11 0.30 -18.38 13.59
CA LEU B 11 0.71 -19.26 12.49
C LEU B 11 1.11 -20.67 12.92
N PRO B 12 0.67 -21.69 12.17
CA PRO B 12 1.00 -23.09 12.49
C PRO B 12 2.46 -23.39 12.19
N GLU B 13 2.98 -24.45 12.81
CA GLU B 13 4.38 -24.80 12.57
C GLU B 13 4.60 -25.49 11.23
N ASP B 14 5.82 -25.34 10.72
CA ASP B 14 6.27 -25.98 9.48
C ASP B 14 7.79 -26.01 9.70
N PRO B 15 8.26 -26.93 10.56
CA PRO B 15 9.68 -27.12 10.93
C PRO B 15 10.72 -27.09 9.83
N LYS B 16 10.45 -27.80 8.75
CA LYS B 16 11.38 -27.86 7.62
C LYS B 16 11.77 -26.49 7.09
N TRP B 17 10.87 -25.50 7.24
CA TRP B 17 11.15 -24.16 6.74
C TRP B 17 11.50 -23.14 7.80
N GLU B 18 11.34 -23.50 9.06
CA GLU B 18 11.60 -22.57 10.15
C GLU B 18 13.09 -22.26 10.35
N PHE B 19 13.40 -20.97 10.48
CA PHE B 19 14.78 -20.53 10.69
C PHE B 19 14.90 -19.92 12.09
N PRO B 20 16.02 -20.18 12.81
CA PRO B 20 16.20 -19.65 14.17
C PRO B 20 16.33 -18.12 14.22
N ARG B 21 15.53 -17.47 15.06
CA ARG B 21 15.60 -16.02 15.15
C ARG B 21 16.98 -15.54 15.59
N ASP B 22 17.64 -16.29 16.46
CA ASP B 22 18.96 -15.87 16.96
C ASP B 22 20.08 -15.98 15.93
N LYS B 23 19.77 -16.53 14.75
CA LYS B 23 20.77 -16.67 13.68
C LYS B 23 20.53 -15.62 12.58
N LEU B 24 19.53 -14.76 12.77
CA LEU B 24 19.20 -13.74 11.77
C LEU B 24 19.44 -12.32 12.31
N THR B 25 20.24 -11.54 11.57
CA THR B 25 20.53 -10.16 11.97
C THR B 25 19.96 -9.24 10.90
N LEU B 26 18.95 -8.46 11.26
CA LEU B 26 18.31 -7.54 10.33
C LEU B 26 19.16 -6.31 10.05
N GLY B 27 19.22 -5.91 8.79
CA GLY B 27 20.02 -4.76 8.39
C GLY B 27 19.23 -3.59 7.84
N LYS B 28 19.82 -2.91 6.86
CA LYS B 28 19.18 -1.74 6.27
C LYS B 28 18.00 -2.09 5.37
N PRO B 29 16.98 -1.23 5.38
CA PRO B 29 15.78 -1.42 4.55
C PRO B 29 16.15 -1.34 3.08
N LEU B 30 15.36 -1.99 2.23
CA LEU B 30 15.58 -1.98 0.80
C LEU B 30 14.42 -1.28 0.12
N PHE B 35 2.50 -2.21 2.08
CA PHE B 35 2.15 -3.60 2.33
C PHE B 35 3.10 -4.20 3.36
N GLY B 36 4.32 -3.69 3.40
CA GLY B 36 5.29 -4.19 4.34
C GLY B 36 6.64 -3.61 4.01
N GLN B 37 7.70 -4.20 4.53
CA GLN B 37 9.01 -3.68 4.24
C GLN B 37 9.98 -4.82 4.02
N VAL B 38 10.97 -4.59 3.16
CA VAL B 38 11.97 -5.61 2.90
C VAL B 38 13.29 -5.01 3.39
N VAL B 39 14.08 -5.80 4.10
CA VAL B 39 15.36 -5.30 4.58
C VAL B 39 16.43 -6.32 4.31
N MET B 40 17.66 -5.85 4.16
CA MET B 40 18.76 -6.77 3.97
C MET B 40 19.00 -7.41 5.33
N ALA B 41 19.62 -8.58 5.34
CA ALA B 41 19.91 -9.23 6.59
C ALA B 41 21.00 -10.28 6.41
N GLU B 42 21.56 -10.74 7.51
CA GLU B 42 22.57 -11.77 7.47
C GLU B 42 21.97 -12.97 8.18
N ALA B 43 22.01 -14.12 7.52
CA ALA B 43 21.45 -15.35 8.08
C ALA B 43 22.55 -16.40 8.22
N VAL B 44 22.91 -16.73 9.46
CA VAL B 44 23.94 -17.72 9.70
C VAL B 44 23.43 -19.15 9.59
N GLY B 45 24.06 -19.93 8.71
CA GLY B 45 23.68 -21.32 8.56
C GLY B 45 22.45 -21.61 7.73
N ILE B 46 21.92 -20.60 7.05
CA ILE B 46 20.73 -20.81 6.23
C ILE B 46 21.11 -21.65 5.01
N ASP B 47 22.39 -21.60 4.64
CA ASP B 47 22.89 -22.37 3.50
C ASP B 47 23.28 -23.78 3.92
N LYS B 50 27.48 -24.34 4.60
CA LYS B 50 28.21 -24.09 5.85
C LYS B 50 27.27 -23.57 6.94
N PRO B 51 27.09 -24.37 8.01
CA PRO B 51 26.22 -23.99 9.12
C PRO B 51 26.77 -22.82 9.94
N LYS B 52 28.00 -22.40 9.63
CA LYS B 52 28.61 -21.30 10.34
C LYS B 52 28.78 -20.05 9.48
N GLU B 53 28.56 -20.20 8.17
CA GLU B 53 28.68 -19.10 7.24
C GLU B 53 27.42 -18.23 7.19
N ALA B 54 27.62 -16.92 7.27
CA ALA B 54 26.50 -15.98 7.23
C ALA B 54 26.27 -15.53 5.80
N VAL B 55 25.07 -15.75 5.28
CA VAL B 55 24.78 -15.35 3.92
C VAL B 55 23.88 -14.13 3.90
N THR B 56 24.06 -13.28 2.90
CA THR B 56 23.27 -12.07 2.75
C THR B 56 21.94 -12.45 2.14
N VAL B 57 20.85 -12.07 2.81
CA VAL B 57 19.50 -12.38 2.34
C VAL B 57 18.59 -11.15 2.46
N ALA B 58 17.36 -11.29 1.98
CA ALA B 58 16.38 -10.22 2.07
C ALA B 58 15.27 -10.77 2.97
N VAL B 59 14.69 -9.92 3.81
CA VAL B 59 13.65 -10.37 4.72
C VAL B 59 12.43 -9.51 4.55
N LYS B 60 11.29 -10.12 4.25
CA LYS B 60 10.06 -9.35 4.11
C LYS B 60 9.28 -9.48 5.43
N MET B 61 8.77 -8.36 5.93
CA MET B 61 8.07 -8.34 7.21
C MET B 61 7.00 -7.24 7.20
N LEU B 62 6.19 -7.23 8.24
CA LEU B 62 5.14 -6.23 8.35
C LEU B 62 5.67 -4.94 9.00
N LYS B 63 4.99 -3.85 8.71
CA LYS B 63 5.31 -2.54 9.29
C LYS B 63 4.37 -2.35 10.49
N ASP B 64 4.58 -1.30 11.28
CA ASP B 64 3.71 -1.12 12.45
C ASP B 64 2.26 -0.81 12.06
N ASP B 65 2.04 -0.27 10.85
CA ASP B 65 0.67 0.03 10.41
C ASP B 65 0.05 -1.07 9.52
N ALA B 66 0.53 -2.30 9.71
CA ALA B 66 0.04 -3.43 8.94
C ALA B 66 -1.46 -3.63 9.13
N THR B 67 -2.13 -4.00 8.04
CA THR B 67 -3.57 -4.29 8.05
C THR B 67 -3.70 -5.82 7.99
N GLU B 68 -4.93 -6.33 8.17
CA GLU B 68 -5.10 -7.78 8.08
C GLU B 68 -4.85 -8.25 6.65
N LYS B 69 -5.12 -7.40 5.67
CA LYS B 69 -4.84 -7.79 4.28
C LYS B 69 -3.31 -7.93 4.10
N ASP B 70 -2.56 -6.99 4.69
CA ASP B 70 -1.10 -7.03 4.58
C ASP B 70 -0.55 -8.33 5.17
N LEU B 71 -1.06 -8.68 6.34
CA LEU B 71 -0.63 -9.92 7.03
C LEU B 71 -1.04 -11.14 6.21
N SER B 72 -2.28 -11.17 5.73
CA SER B 72 -2.72 -12.33 4.95
C SER B 72 -1.95 -12.42 3.64
N ASP B 73 -1.58 -11.27 3.06
CA ASP B 73 -0.81 -11.25 1.80
C ASP B 73 0.61 -11.83 2.03
N LEU B 74 1.27 -11.41 3.11
CA LEU B 74 2.62 -11.91 3.39
C LEU B 74 2.58 -13.42 3.64
N VAL B 75 1.59 -13.89 4.40
CA VAL B 75 1.46 -15.32 4.64
C VAL B 75 1.16 -16.05 3.33
N SER B 76 0.28 -15.47 2.51
CA SER B 76 -0.05 -16.12 1.24
C SER B 76 1.18 -16.21 0.35
N GLU B 77 2.02 -15.16 0.34
CA GLU B 77 3.22 -15.17 -0.49
C GLU B 77 4.12 -16.31 -0.08
N MET B 78 4.32 -16.45 1.22
CA MET B 78 5.13 -17.54 1.78
C MET B 78 4.55 -18.89 1.36
N GLU B 79 3.23 -19.05 1.50
CA GLU B 79 2.60 -20.30 1.13
C GLU B 79 2.75 -20.62 -0.37
N MET B 80 2.58 -19.61 -1.21
CA MET B 80 2.69 -19.80 -2.67
C MET B 80 4.12 -20.17 -3.05
N MET B 81 5.10 -19.54 -2.42
CA MET B 81 6.48 -19.86 -2.76
C MET B 81 6.80 -21.32 -2.46
N LYS B 82 6.22 -21.87 -1.39
CA LYS B 82 6.45 -23.27 -1.05
C LYS B 82 5.80 -24.17 -2.10
N MET B 83 4.60 -23.80 -2.54
CA MET B 83 3.90 -24.58 -3.56
C MET B 83 4.64 -24.59 -4.89
N ILE B 84 5.10 -23.42 -5.31
CA ILE B 84 5.78 -23.26 -6.59
C ILE B 84 7.09 -24.04 -6.69
N GLY B 85 7.88 -24.02 -5.63
CA GLY B 85 9.13 -24.75 -5.70
C GLY B 85 10.23 -23.91 -6.31
N LYS B 86 11.42 -24.48 -6.33
CA LYS B 86 12.59 -23.79 -6.82
C LYS B 86 12.71 -23.72 -8.34
N HIS B 87 13.17 -22.57 -8.82
CA HIS B 87 13.39 -22.38 -10.25
C HIS B 87 14.39 -21.24 -10.44
N LYS B 88 15.27 -21.41 -11.43
CA LYS B 88 16.28 -20.42 -11.69
C LYS B 88 15.77 -19.01 -11.89
N ASN B 89 14.56 -18.87 -12.44
CA ASN B 89 14.02 -17.55 -12.69
C ASN B 89 12.91 -17.08 -11.78
N ILE B 90 12.92 -17.63 -10.56
CA ILE B 90 11.96 -17.26 -9.54
C ILE B 90 12.74 -17.00 -8.26
N ILE B 91 12.47 -15.88 -7.60
CA ILE B 91 13.16 -15.58 -6.35
C ILE B 91 12.88 -16.76 -5.41
N ASN B 92 13.91 -17.35 -4.84
CA ASN B 92 13.67 -18.50 -3.99
C ASN B 92 13.46 -18.22 -2.51
N LEU B 93 12.58 -18.99 -1.91
CA LEU B 93 12.28 -18.89 -0.49
C LEU B 93 13.39 -19.66 0.23
N LEU B 94 13.98 -19.05 1.25
CA LEU B 94 15.07 -19.71 1.97
C LEU B 94 14.66 -20.20 3.36
N GLY B 95 13.70 -19.51 3.97
CA GLY B 95 13.27 -19.90 5.29
C GLY B 95 12.27 -18.90 5.82
N ALA B 96 11.80 -19.10 7.04
CA ALA B 96 10.84 -18.17 7.62
C ALA B 96 10.87 -18.27 9.13
N CYS B 97 10.58 -17.16 9.82
CA CYS B 97 10.50 -17.18 11.28
C CYS B 97 8.99 -16.92 11.46
N THR B 98 8.24 -17.93 11.90
CA THR B 98 6.79 -17.83 12.05
C THR B 98 6.29 -18.04 13.48
N GLN B 99 7.16 -18.56 14.33
CA GLN B 99 6.80 -18.86 15.71
C GLN B 99 7.36 -17.88 16.72
N ASP B 100 6.59 -17.60 17.78
CA ASP B 100 7.08 -16.73 18.86
C ASP B 100 7.66 -15.39 18.47
N GLY B 101 7.06 -14.74 17.47
CA GLY B 101 7.58 -13.46 17.08
C GLY B 101 7.02 -13.04 15.75
N PRO B 102 7.42 -11.87 15.25
CA PRO B 102 6.95 -11.35 13.97
C PRO B 102 7.28 -12.30 12.82
N LEU B 103 6.43 -12.27 11.80
CA LEU B 103 6.63 -13.10 10.64
C LEU B 103 7.70 -12.48 9.78
N TYR B 104 8.74 -13.28 9.50
CA TYR B 104 9.85 -12.85 8.66
C TYR B 104 9.90 -13.87 7.54
N VAL B 105 9.77 -13.43 6.30
CA VAL B 105 9.83 -14.36 5.18
C VAL B 105 11.22 -14.08 4.58
N ILE B 106 12.08 -15.09 4.62
CA ILE B 106 13.47 -14.94 4.17
C ILE B 106 13.64 -15.43 2.75
N VAL B 107 14.09 -14.54 1.88
CA VAL B 107 14.24 -14.90 0.47
C VAL B 107 15.62 -14.48 -0.07
N GLU B 108 15.93 -14.99 -1.25
CA GLU B 108 17.18 -14.67 -1.91
C GLU B 108 17.31 -13.16 -2.12
N TYR B 109 18.51 -12.64 -1.89
CA TYR B 109 18.77 -11.22 -2.07
C TYR B 109 19.23 -11.02 -3.52
N ALA B 110 18.62 -10.06 -4.21
CA ALA B 110 18.99 -9.75 -5.60
C ALA B 110 19.69 -8.40 -5.56
N SER B 111 21.03 -8.41 -5.64
CA SER B 111 21.82 -7.19 -5.55
C SER B 111 21.59 -6.09 -6.57
N LYS B 112 20.99 -6.42 -7.71
CA LYS B 112 20.76 -5.40 -8.73
C LYS B 112 19.38 -4.75 -8.76
N GLY B 113 18.55 -5.02 -7.76
CA GLY B 113 17.25 -4.37 -7.69
C GLY B 113 16.19 -4.85 -8.67
N ASN B 114 15.13 -4.07 -8.84
CA ASN B 114 14.07 -4.50 -9.74
C ASN B 114 14.44 -4.22 -11.19
N LEU B 115 13.78 -4.94 -12.09
CA LEU B 115 14.08 -4.82 -13.52
C LEU B 115 13.85 -3.43 -14.10
N ARG B 116 12.78 -2.74 -13.68
CA ARG B 116 12.51 -1.41 -14.17
C ARG B 116 13.72 -0.50 -13.96
N GLU B 117 14.16 -0.41 -12.71
CA GLU B 117 15.30 0.44 -12.36
C GLU B 117 16.57 -0.05 -13.03
N TYR B 118 16.73 -1.36 -13.06
CA TYR B 118 17.90 -1.99 -13.66
C TYR B 118 18.06 -1.54 -15.12
N LEU B 119 16.97 -1.60 -15.87
CA LEU B 119 17.01 -1.21 -17.27
C LEU B 119 17.17 0.30 -17.44
N ARG B 120 16.49 1.07 -16.59
CA ARG B 120 16.57 2.52 -16.71
C ARG B 120 17.99 3.04 -16.51
N ALA B 121 18.70 2.42 -15.58
CA ALA B 121 20.07 2.81 -15.26
C ALA B 121 21.06 2.33 -16.31
N ARG B 122 20.59 1.51 -17.25
CA ARG B 122 21.46 0.99 -18.28
C ARG B 122 21.05 1.40 -19.70
N ARG B 123 20.40 2.56 -19.78
CA ARG B 123 19.94 3.10 -21.06
C ARG B 123 21.12 3.79 -21.75
N PRO B 124 21.09 3.87 -23.09
CA PRO B 124 22.17 4.53 -23.84
C PRO B 124 22.30 5.98 -23.39
N PRO B 125 23.54 6.46 -23.29
CA PRO B 125 23.78 7.84 -22.88
C PRO B 125 23.27 8.82 -23.92
N GLN B 140 24.04 0.52 -21.13
CA GLN B 140 25.00 -0.52 -21.44
C GLN B 140 24.29 -1.82 -21.82
N MET B 141 22.98 -1.76 -22.02
CA MET B 141 22.22 -2.94 -22.41
C MET B 141 22.36 -3.15 -23.92
N THR B 142 22.46 -4.41 -24.34
CA THR B 142 22.53 -4.74 -25.76
C THR B 142 21.21 -5.39 -26.15
N PHE B 143 20.91 -5.44 -27.45
CA PHE B 143 19.67 -6.05 -27.89
C PHE B 143 19.60 -7.52 -27.47
N LYS B 144 20.73 -8.20 -27.59
CA LYS B 144 20.80 -9.60 -27.20
C LYS B 144 20.45 -9.78 -25.72
N ASP B 145 20.88 -8.84 -24.88
CA ASP B 145 20.58 -8.90 -23.44
C ASP B 145 19.10 -8.77 -23.18
N LEU B 146 18.43 -7.92 -23.95
CA LEU B 146 16.99 -7.73 -23.79
C LEU B 146 16.24 -9.00 -24.13
N VAL B 147 16.62 -9.65 -25.23
CA VAL B 147 15.98 -10.90 -25.62
C VAL B 147 16.22 -11.96 -24.56
N SER B 148 17.43 -11.99 -24.03
CA SER B 148 17.79 -12.96 -23.01
C SER B 148 16.93 -12.76 -21.77
N CYS B 149 16.78 -11.50 -21.37
CA CYS B 149 15.95 -11.17 -20.21
C CYS B 149 14.53 -11.70 -20.41
N THR B 150 13.98 -11.44 -21.60
CA THR B 150 12.62 -11.86 -21.95
C THR B 150 12.45 -13.38 -21.96
N TYR B 151 13.44 -14.08 -22.46
CA TYR B 151 13.40 -15.54 -22.51
C TYR B 151 13.44 -16.10 -21.09
N GLN B 152 14.32 -15.56 -20.25
CA GLN B 152 14.44 -16.04 -18.89
C GLN B 152 13.10 -15.89 -18.20
N LEU B 153 12.44 -14.75 -18.40
CA LEU B 153 11.16 -14.52 -17.75
C LEU B 153 10.08 -15.45 -18.33
N ALA B 154 10.16 -15.74 -19.63
CA ALA B 154 9.18 -16.64 -20.22
C ALA B 154 9.37 -18.04 -19.60
N ARG B 155 10.62 -18.43 -19.36
CA ARG B 155 10.89 -19.73 -18.76
C ARG B 155 10.36 -19.79 -17.32
N GLY B 156 10.53 -18.71 -16.57
CA GLY B 156 10.04 -18.69 -15.20
C GLY B 156 8.52 -18.80 -15.18
N MET B 157 7.85 -18.08 -16.09
CA MET B 157 6.39 -18.13 -16.13
C MET B 157 5.90 -19.49 -16.59
N GLU B 158 6.60 -20.12 -17.54
CA GLU B 158 6.17 -21.43 -18.02
C GLU B 158 6.18 -22.39 -16.85
N TYR B 159 7.20 -22.29 -16.00
CA TYR B 159 7.31 -23.16 -14.84
C TYR B 159 6.19 -22.85 -13.85
N LEU B 160 6.01 -21.57 -13.52
CA LEU B 160 4.96 -21.17 -12.61
C LEU B 160 3.60 -21.71 -13.11
N ALA B 161 3.33 -21.53 -14.40
CA ALA B 161 2.06 -22.03 -14.93
C ALA B 161 1.94 -23.56 -14.82
N SER B 162 3.06 -24.26 -15.00
CA SER B 162 3.03 -25.73 -14.90
C SER B 162 2.75 -26.16 -13.47
N GLN B 163 3.09 -25.28 -12.52
CA GLN B 163 2.87 -25.55 -11.09
C GLN B 163 1.46 -25.12 -10.67
N LYS B 164 0.66 -24.76 -11.68
CA LYS B 164 -0.74 -24.35 -11.55
C LYS B 164 -0.97 -23.13 -10.67
N CYS B 165 -0.12 -22.14 -10.90
CA CYS B 165 -0.19 -20.88 -10.18
C CYS B 165 -0.44 -19.76 -11.20
N ILE B 166 -1.27 -18.80 -10.84
CA ILE B 166 -1.48 -17.62 -11.66
C ILE B 166 -0.88 -16.54 -10.78
N HIS B 167 0.02 -15.76 -11.36
CA HIS B 167 0.73 -14.74 -10.63
C HIS B 167 -0.12 -13.50 -10.36
N ARG B 168 -0.78 -13.00 -11.41
CA ARG B 168 -1.67 -11.83 -11.37
C ARG B 168 -1.04 -10.44 -11.20
N ASP B 169 0.27 -10.37 -10.92
CA ASP B 169 0.92 -9.07 -10.69
C ASP B 169 2.30 -9.03 -11.38
N LEU B 170 2.37 -9.55 -12.61
CA LEU B 170 3.64 -9.57 -13.34
C LEU B 170 3.97 -8.24 -13.98
N THR B 171 4.96 -7.54 -13.41
CA THR B 171 5.37 -6.23 -13.92
C THR B 171 6.88 -6.19 -13.81
N ALA B 172 7.54 -5.24 -14.48
CA ALA B 172 9.02 -5.21 -14.38
C ALA B 172 9.47 -4.84 -12.97
N ARG B 173 8.66 -4.06 -12.26
CA ARG B 173 8.97 -3.68 -10.88
C ARG B 173 8.91 -4.92 -9.98
N ASN B 174 8.21 -5.97 -10.44
CA ASN B 174 8.09 -7.21 -9.66
C ASN B 174 9.02 -8.31 -10.13
N VAL B 175 10.05 -7.90 -10.87
CA VAL B 175 11.09 -8.81 -11.35
C VAL B 175 12.36 -8.24 -10.73
N LEU B 176 13.18 -9.11 -10.14
CA LEU B 176 14.42 -8.69 -9.48
C LEU B 176 15.61 -9.21 -10.28
N VAL B 177 16.75 -8.56 -10.13
CA VAL B 177 17.94 -8.96 -10.87
C VAL B 177 19.10 -9.23 -9.90
N THR B 178 19.73 -10.39 -10.05
CA THR B 178 20.85 -10.77 -9.18
C THR B 178 22.17 -10.18 -9.66
N GLU B 179 23.23 -10.47 -8.91
CA GLU B 179 24.57 -9.99 -9.25
C GLU B 179 24.97 -10.54 -10.61
N ASN B 180 24.65 -11.81 -10.86
CA ASN B 180 24.98 -12.45 -12.13
C ASN B 180 23.96 -12.16 -13.25
N ASN B 181 23.22 -11.07 -13.08
CA ASN B 181 22.21 -10.64 -14.04
C ASN B 181 21.12 -11.66 -14.39
N VAL B 182 20.72 -12.45 -13.41
CA VAL B 182 19.68 -13.45 -13.63
C VAL B 182 18.31 -12.82 -13.28
N MET B 183 17.33 -13.01 -14.16
CA MET B 183 15.98 -12.46 -13.95
C MET B 183 15.24 -13.34 -12.94
N LYS B 184 14.63 -12.74 -11.92
CA LYS B 184 13.91 -13.52 -10.90
C LYS B 184 12.51 -12.97 -10.71
N ILE B 185 11.49 -13.77 -11.01
CA ILE B 185 10.11 -13.33 -10.81
C ILE B 185 9.88 -13.26 -9.30
N ALA B 186 9.25 -12.19 -8.83
CA ALA B 186 9.03 -12.04 -7.41
C ALA B 186 7.62 -11.56 -7.09
N ASP B 187 7.38 -11.24 -5.81
CA ASP B 187 6.09 -10.69 -5.36
C ASP B 187 4.88 -11.57 -5.63
N PHE B 188 4.75 -12.66 -4.88
CA PHE B 188 3.64 -13.59 -5.06
C PHE B 188 2.47 -13.36 -4.10
N GLY B 189 2.38 -12.17 -3.54
CA GLY B 189 1.30 -11.87 -2.62
C GLY B 189 -0.09 -11.92 -3.22
N LEU B 190 -0.22 -11.72 -4.54
CA LEU B 190 -1.56 -11.74 -5.15
C LEU B 190 -1.82 -13.03 -5.95
N ALA B 191 -0.81 -13.89 -5.99
CA ALA B 191 -0.91 -15.14 -6.75
C ALA B 191 -1.94 -16.09 -6.18
N ARG B 192 -2.46 -16.97 -7.03
CA ARG B 192 -3.45 -17.95 -6.59
C ARG B 192 -3.10 -19.34 -7.06
N ASP B 193 -3.56 -20.34 -6.31
CA ASP B 193 -3.34 -21.75 -6.60
C ASP B 193 -4.57 -22.24 -7.35
N ILE B 194 -4.43 -22.57 -8.63
CA ILE B 194 -5.59 -23.04 -9.38
C ILE B 194 -5.49 -24.52 -9.77
N ASN B 195 -4.79 -25.30 -8.94
CA ASN B 195 -4.66 -26.74 -9.18
C ASN B 195 -6.04 -27.38 -9.35
N ASN B 196 -6.98 -27.03 -8.47
CA ASN B 196 -8.31 -27.63 -8.49
C ASN B 196 -9.49 -26.70 -8.72
N ILE B 197 -9.34 -25.44 -8.31
CA ILE B 197 -10.39 -24.45 -8.44
C ILE B 197 -9.86 -23.33 -9.33
N ASP B 198 -10.71 -22.75 -10.16
CA ASP B 198 -10.20 -21.70 -11.04
C ASP B 198 -10.77 -20.31 -10.77
N TYR B 199 -11.63 -20.22 -9.76
CA TYR B 199 -12.26 -18.96 -9.33
C TYR B 199 -13.12 -18.30 -10.39
N TYR B 200 -13.64 -19.13 -11.30
CA TYR B 200 -14.48 -18.61 -12.37
C TYR B 200 -15.64 -17.73 -11.85
N LYS B 201 -15.68 -16.51 -12.36
CA LYS B 201 -16.70 -15.52 -12.02
C LYS B 201 -16.70 -15.04 -10.59
N LYS B 202 -15.65 -15.39 -9.84
CA LYS B 202 -15.53 -14.93 -8.46
C LYS B 202 -14.19 -14.25 -8.16
N THR B 203 -13.39 -13.93 -9.19
CA THR B 203 -12.14 -13.22 -8.91
C THR B 203 -12.34 -11.85 -9.55
N THR B 204 -12.58 -10.85 -8.70
CA THR B 204 -12.89 -9.51 -9.22
C THR B 204 -11.72 -8.65 -9.63
N ASN B 205 -10.53 -8.99 -9.13
CA ASN B 205 -9.27 -8.36 -9.54
C ASN B 205 -9.07 -6.86 -9.31
N GLY B 206 -9.72 -6.31 -8.29
CA GLY B 206 -9.60 -4.89 -8.00
C GLY B 206 -8.25 -4.49 -7.41
N ARG B 207 -7.42 -5.46 -7.02
CA ARG B 207 -6.11 -5.12 -6.46
C ARG B 207 -4.94 -5.33 -7.44
N LEU B 208 -5.25 -5.58 -8.71
CA LEU B 208 -4.22 -5.82 -9.74
C LEU B 208 -3.93 -4.51 -10.48
N PRO B 209 -2.70 -4.31 -10.96
CA PRO B 209 -2.30 -3.09 -11.68
C PRO B 209 -3.00 -3.02 -13.04
N VAL B 210 -3.90 -2.06 -13.18
CA VAL B 210 -4.71 -1.92 -14.39
C VAL B 210 -3.95 -1.98 -15.73
N LYS B 211 -2.83 -1.28 -15.83
CA LYS B 211 -2.10 -1.25 -17.10
C LYS B 211 -1.47 -2.57 -17.49
N TRP B 212 -1.51 -3.57 -16.61
CA TRP B 212 -0.95 -4.88 -16.93
C TRP B 212 -2.04 -5.97 -17.03
N MET B 213 -3.30 -5.57 -16.87
CA MET B 213 -4.42 -6.51 -16.87
C MET B 213 -5.08 -6.80 -18.22
N ALA B 214 -5.34 -8.08 -18.46
CA ALA B 214 -6.06 -8.52 -19.63
C ALA B 214 -7.52 -8.04 -19.51
N PRO B 215 -8.19 -7.78 -20.63
CA PRO B 215 -9.57 -7.32 -20.59
C PRO B 215 -10.50 -8.22 -19.77
N GLU B 216 -10.37 -9.56 -19.89
CA GLU B 216 -11.25 -10.44 -19.14
C GLU B 216 -10.99 -10.35 -17.62
N ALA B 217 -9.78 -9.96 -17.22
CA ALA B 217 -9.49 -9.82 -15.80
C ALA B 217 -10.13 -8.51 -15.31
N LEU B 218 -10.17 -7.52 -16.19
CA LEU B 218 -10.75 -6.23 -15.83
C LEU B 218 -12.28 -6.22 -15.80
N PHE B 219 -12.87 -6.93 -16.75
CA PHE B 219 -14.30 -6.90 -16.93
C PHE B 219 -15.13 -8.13 -16.64
N ASP B 220 -14.50 -9.28 -16.74
CA ASP B 220 -15.26 -10.52 -16.64
C ASP B 220 -15.12 -11.45 -15.46
N ARG B 221 -14.48 -10.96 -14.39
CA ARG B 221 -14.34 -11.72 -13.15
C ARG B 221 -13.70 -13.10 -13.27
N VAL B 222 -12.70 -13.19 -14.13
CA VAL B 222 -11.95 -14.42 -14.32
C VAL B 222 -10.47 -14.07 -14.36
N TYR B 223 -9.61 -15.09 -14.26
CA TYR B 223 -8.17 -14.90 -14.36
C TYR B 223 -7.59 -16.27 -14.65
N THR B 224 -7.00 -16.46 -15.83
CA THR B 224 -6.38 -17.74 -16.19
C THR B 224 -4.91 -17.55 -16.56
N HIS B 225 -4.23 -18.64 -16.90
CA HIS B 225 -2.84 -18.48 -17.30
C HIS B 225 -2.78 -17.54 -18.51
N GLN B 226 -3.81 -17.54 -19.35
CA GLN B 226 -3.81 -16.66 -20.53
C GLN B 226 -3.87 -15.18 -20.16
N SER B 227 -4.38 -14.89 -18.96
CA SER B 227 -4.42 -13.50 -18.51
C SER B 227 -2.97 -13.13 -18.13
N ASP B 228 -2.20 -14.07 -17.53
CA ASP B 228 -0.79 -13.80 -17.19
C ASP B 228 0.01 -13.59 -18.50
N VAL B 229 -0.39 -14.25 -19.60
CA VAL B 229 0.31 -14.08 -20.88
C VAL B 229 0.12 -12.64 -21.38
N TRP B 230 -1.09 -12.10 -21.17
CA TRP B 230 -1.33 -10.72 -21.55
C TRP B 230 -0.35 -9.84 -20.76
N SER B 231 -0.27 -10.07 -19.44
CA SER B 231 0.65 -9.29 -18.61
C SER B 231 2.10 -9.45 -19.11
N PHE B 232 2.46 -10.68 -19.49
CA PHE B 232 3.80 -10.93 -20.02
C PHE B 232 4.08 -10.04 -21.23
N GLY B 233 3.07 -9.85 -22.08
CA GLY B 233 3.25 -8.98 -23.23
C GLY B 233 3.58 -7.55 -22.83
N VAL B 234 2.94 -7.07 -21.76
CA VAL B 234 3.20 -5.73 -21.27
C VAL B 234 4.63 -5.67 -20.71
N LEU B 235 5.03 -6.72 -20.01
CA LEU B 235 6.37 -6.83 -19.46
C LEU B 235 7.39 -6.79 -20.63
N MET B 236 7.08 -7.46 -21.74
CA MET B 236 7.95 -7.44 -22.92
C MET B 236 8.12 -6.01 -23.41
N TRP B 237 7.02 -5.26 -23.44
CA TRP B 237 7.07 -3.87 -23.85
C TRP B 237 7.94 -3.06 -22.88
N GLU B 238 7.79 -3.29 -21.58
CA GLU B 238 8.61 -2.59 -20.59
C GLU B 238 10.10 -2.89 -20.80
N ILE B 239 10.39 -4.13 -21.15
CA ILE B 239 11.77 -4.55 -21.38
C ILE B 239 12.38 -3.90 -22.62
N PHE B 240 11.68 -3.94 -23.75
CA PHE B 240 12.25 -3.37 -24.96
C PHE B 240 12.25 -1.86 -25.02
N THR B 241 11.59 -1.21 -24.05
CA THR B 241 11.61 0.25 -23.97
C THR B 241 12.62 0.63 -22.87
N LEU B 242 13.37 -0.36 -22.39
CA LEU B 242 14.36 -0.13 -21.33
C LEU B 242 13.74 0.45 -20.07
N GLY B 243 12.64 -0.15 -19.62
CA GLY B 243 11.99 0.31 -18.42
C GLY B 243 11.02 1.45 -18.58
N GLY B 244 10.38 1.53 -19.74
CA GLY B 244 9.41 2.58 -19.96
C GLY B 244 8.11 2.22 -19.28
N SER B 245 7.27 3.23 -19.06
CA SER B 245 5.97 3.06 -18.42
C SER B 245 4.90 2.78 -19.49
N PRO B 246 4.16 1.68 -19.33
CA PRO B 246 3.13 1.33 -20.33
C PRO B 246 2.09 2.40 -20.60
N TYR B 247 1.56 2.34 -21.83
CA TYR B 247 0.55 3.26 -22.36
C TYR B 247 0.97 4.70 -22.05
N PRO B 248 2.14 5.11 -22.56
CA PRO B 248 2.59 6.47 -22.29
C PRO B 248 1.60 7.57 -22.69
N GLY B 249 1.38 8.47 -21.75
CA GLY B 249 0.47 9.58 -21.97
C GLY B 249 -0.98 9.21 -21.80
N ILE B 250 -1.26 7.93 -21.54
CA ILE B 250 -2.64 7.49 -21.37
C ILE B 250 -2.94 7.18 -19.90
N PRO B 251 -3.73 8.03 -19.22
CA PRO B 251 -4.06 7.82 -17.81
C PRO B 251 -4.80 6.52 -17.62
N VAL B 252 -4.61 5.85 -16.49
CA VAL B 252 -5.35 4.60 -16.26
C VAL B 252 -6.84 4.93 -16.30
N GLU B 253 -7.18 6.18 -15.95
CA GLU B 253 -8.58 6.63 -15.93
C GLU B 253 -9.35 6.46 -17.24
N GLU B 254 -8.66 6.48 -18.38
CA GLU B 254 -9.37 6.32 -19.65
C GLU B 254 -9.03 4.99 -20.32
N LEU B 255 -8.16 4.21 -19.69
CA LEU B 255 -7.75 2.94 -20.28
C LEU B 255 -8.85 1.88 -20.36
N PHE B 256 -9.79 1.89 -19.41
CA PHE B 256 -10.86 0.89 -19.43
C PHE B 256 -11.59 0.92 -20.77
N LYS B 257 -12.04 2.11 -21.17
CA LYS B 257 -12.75 2.24 -22.43
C LYS B 257 -11.83 2.06 -23.64
N LEU B 258 -10.60 2.55 -23.56
CA LEU B 258 -9.69 2.39 -24.71
C LEU B 258 -9.42 0.92 -25.00
N LEU B 259 -9.25 0.14 -23.94
CA LEU B 259 -8.98 -1.28 -24.11
C LEU B 259 -10.15 -2.01 -24.76
N LYS B 260 -11.38 -1.67 -24.38
CA LYS B 260 -12.53 -2.34 -24.97
C LYS B 260 -12.65 -2.02 -26.43
N GLU B 261 -12.21 -0.81 -26.79
CA GLU B 261 -12.26 -0.32 -28.15
C GLU B 261 -11.14 -0.89 -29.01
N GLY B 262 -10.31 -1.77 -28.44
CA GLY B 262 -9.24 -2.40 -29.19
C GLY B 262 -7.87 -1.76 -29.22
N HIS B 263 -7.67 -0.67 -28.48
CA HIS B 263 -6.36 -0.01 -28.48
C HIS B 263 -5.23 -0.87 -27.89
N ARG B 264 -4.04 -0.78 -28.49
CA ARG B 264 -2.85 -1.51 -28.04
C ARG B 264 -1.62 -0.62 -28.15
N MET B 265 -0.59 -0.91 -27.36
CA MET B 265 0.63 -0.10 -27.42
C MET B 265 1.35 -0.24 -28.76
N ASP B 266 2.16 0.77 -29.09
CA ASP B 266 2.94 0.78 -30.33
C ASP B 266 4.24 0.01 -30.10
N LYS B 267 4.97 -0.21 -31.19
CA LYS B 267 6.23 -0.93 -31.12
C LYS B 267 7.39 -0.10 -30.56
N PRO B 268 8.11 -0.66 -29.57
CA PRO B 268 9.25 0.04 -28.98
C PRO B 268 10.34 0.25 -30.05
N ALA B 269 11.11 1.32 -29.93
CA ALA B 269 12.17 1.62 -30.89
C ALA B 269 13.14 0.43 -31.07
N ASN B 270 13.64 -0.11 -29.97
CA ASN B 270 14.59 -1.23 -30.02
C ASN B 270 13.93 -2.60 -30.05
N CYS B 271 12.93 -2.75 -30.91
CA CYS B 271 12.21 -4.00 -31.01
C CYS B 271 12.01 -4.38 -32.47
N THR B 272 12.22 -5.65 -32.81
CA THR B 272 12.05 -6.10 -34.20
C THR B 272 10.56 -6.36 -34.46
N ASN B 273 10.18 -6.45 -35.74
CA ASN B 273 8.79 -6.75 -36.07
C ASN B 273 8.36 -8.08 -35.44
N GLU B 274 9.26 -9.06 -35.49
CA GLU B 274 8.98 -10.39 -34.94
C GLU B 274 8.60 -10.35 -33.46
N LEU B 275 9.40 -9.64 -32.67
CA LEU B 275 9.12 -9.50 -31.23
C LEU B 275 7.84 -8.71 -30.99
N TYR B 276 7.60 -7.68 -31.80
CA TYR B 276 6.38 -6.88 -31.62
C TYR B 276 5.14 -7.70 -31.95
N MET B 277 5.25 -8.60 -32.93
CA MET B 277 4.09 -9.42 -33.27
C MET B 277 3.82 -10.35 -32.09
N MET B 278 4.89 -10.72 -31.39
CA MET B 278 4.75 -11.60 -30.21
C MET B 278 3.96 -10.85 -29.14
N MET B 279 4.32 -9.59 -28.89
CA MET B 279 3.61 -8.75 -27.93
C MET B 279 2.14 -8.64 -28.33
N ARG B 280 1.89 -8.31 -29.60
CA ARG B 280 0.53 -8.16 -30.07
C ARG B 280 -0.25 -9.47 -29.94
N ASP B 281 0.42 -10.60 -30.08
CA ASP B 281 -0.28 -11.88 -29.96
C ASP B 281 -0.66 -12.10 -28.49
N CYS B 282 0.19 -11.65 -27.58
CA CYS B 282 -0.13 -11.78 -26.15
C CYS B 282 -1.32 -10.91 -25.82
N TRP B 283 -1.60 -9.91 -26.66
CA TRP B 283 -2.72 -9.00 -26.40
C TRP B 283 -3.95 -9.28 -27.26
N HIS B 284 -4.10 -10.50 -27.77
CA HIS B 284 -5.32 -10.83 -28.53
C HIS B 284 -6.48 -10.70 -27.54
N ALA B 285 -7.62 -10.21 -28.00
CA ALA B 285 -8.78 -10.06 -27.12
C ALA B 285 -9.26 -11.41 -26.61
N VAL B 286 -9.30 -12.39 -27.50
CA VAL B 286 -9.72 -13.74 -27.11
C VAL B 286 -8.53 -14.46 -26.45
N PRO B 287 -8.67 -14.79 -25.15
CA PRO B 287 -7.58 -15.47 -24.43
C PRO B 287 -6.99 -16.72 -25.11
N SER B 288 -7.84 -17.60 -25.64
CA SER B 288 -7.33 -18.82 -26.27
C SER B 288 -6.52 -18.57 -27.53
N GLN B 289 -6.62 -17.35 -28.07
CA GLN B 289 -5.87 -17.00 -29.28
C GLN B 289 -4.47 -16.50 -28.95
N ARG B 290 -4.19 -16.27 -27.67
CA ARG B 290 -2.87 -15.82 -27.26
C ARG B 290 -1.96 -17.05 -27.16
N PRO B 291 -0.65 -16.85 -27.31
CA PRO B 291 0.22 -18.02 -27.19
C PRO B 291 0.25 -18.48 -25.72
N THR B 292 0.67 -19.72 -25.51
CA THR B 292 0.81 -20.25 -24.17
C THR B 292 2.25 -19.90 -23.76
N PHE B 293 2.57 -19.99 -22.48
CA PHE B 293 3.95 -19.70 -22.06
C PHE B 293 4.92 -20.71 -22.71
N LYS B 294 4.45 -21.93 -22.90
CA LYS B 294 5.28 -22.96 -23.52
C LYS B 294 5.65 -22.51 -24.94
N GLN B 295 4.69 -21.96 -25.67
CA GLN B 295 4.95 -21.50 -27.03
C GLN B 295 5.87 -20.30 -27.00
N LEU B 296 5.70 -19.42 -26.01
CA LEU B 296 6.55 -18.24 -25.91
C LEU B 296 7.99 -18.65 -25.64
N VAL B 297 8.20 -19.65 -24.81
CA VAL B 297 9.57 -20.11 -24.52
C VAL B 297 10.22 -20.66 -25.78
N GLU B 298 9.48 -21.48 -26.52
CA GLU B 298 9.99 -22.07 -27.75
C GLU B 298 10.35 -21.01 -28.78
N ASP B 299 9.49 -20.01 -28.94
CA ASP B 299 9.75 -18.94 -29.89
C ASP B 299 10.91 -18.05 -29.47
N LEU B 300 10.97 -17.70 -28.19
CA LEU B 300 12.05 -16.85 -27.70
C LEU B 300 13.40 -17.56 -27.74
N ASP B 301 13.38 -18.87 -27.52
CA ASP B 301 14.61 -19.66 -27.58
C ASP B 301 15.18 -19.58 -29.01
N ARG B 302 14.30 -19.70 -29.99
CA ARG B 302 14.70 -19.62 -31.40
C ARG B 302 15.26 -18.25 -31.71
N ILE B 303 14.55 -17.21 -31.32
CA ILE B 303 15.00 -15.84 -31.55
C ILE B 303 16.34 -15.59 -30.88
N LEU B 304 16.47 -16.02 -29.62
CA LEU B 304 17.71 -15.83 -28.88
C LEU B 304 18.86 -16.51 -29.63
N THR B 305 18.62 -17.75 -30.08
CA THR B 305 19.64 -18.49 -30.83
C THR B 305 20.05 -17.78 -32.11
N LEU B 306 19.10 -17.10 -32.76
CA LEU B 306 19.37 -16.37 -34.00
C LEU B 306 19.78 -14.93 -33.73
N THR B 307 20.22 -14.67 -32.50
CA THR B 307 20.68 -13.34 -32.10
C THR B 307 22.01 -13.54 -31.40
#